data_6YEP
#
_entry.id   6YEP
#
_entity_poly.entity_id   1
_entity_poly.type   'polydeoxyribonucleotide'
_entity_poly.pdbx_seq_one_letter_code
;(DG)(DG)(DG)(DA)(DT)(DG)(DG)(DG)(DA)(DC)(DA)(DC)(DA)(DG)(LCG)(DG)(DG)(DA)(DC)
(DG)(DG)(DG)
;
_entity_poly.pdbx_strand_id   A
#